data_9K8O
#
_entry.id   9K8O
#
_cell.length_a   38.861
_cell.length_b   81.881
_cell.length_c   81.776
_cell.angle_alpha   90.00
_cell.angle_beta   90.00
_cell.angle_gamma   90.00
#
_symmetry.space_group_name_H-M   'P 2 21 21'
#
loop_
_entity.id
_entity.type
_entity.pdbx_description
1 polymer 'DNAzyme minGAA, catalytic strand'
2 polymer 'substrate strand for DNAzyme minGAA'
3 non-polymer 'ZINC ION'
4 water water
#
loop_
_entity_poly.entity_id
_entity_poly.type
_entity_poly.pdbx_seq_one_letter_code
_entity_poly.pdbx_strand_id
1 'polydeoxyribonucleotide' (DG)(DA)(DT)(DC)(DA)(DC)(DC)(DC)(DG)(DC) A,C,E,G
2 'polydeoxyribonucleotide/polyribonucleotide hybrid' (DG)(DC)(DG)(OMG)AA(DG)(DG)(DA)(DT)(DC) B,D,F,H
#